data_7CCE
#
_entry.id   7CCE
#
_cell.length_a   78.599
_cell.length_b   78.599
_cell.length_c   72.730
_cell.angle_alpha   90.000
_cell.angle_beta   90.000
_cell.angle_gamma   120.000
#
_symmetry.space_group_name_H-M   'P 31 2 1'
#
loop_
_entity.id
_entity.type
_entity.pdbx_description
1 polymer 'Bromo-adjacent homology (BAH) domain-containing protein'
2 polymer 'Histone H3.2'
3 non-polymer 2-AMINO-2-HYDROXYMETHYL-PROPANE-1,3-DIOL
4 water water
#
loop_
_entity_poly.entity_id
_entity_poly.type
_entity_poly.pdbx_seq_one_letter_code
_entity_poly.pdbx_strand_id
1 'polypeptide(L)'
;SGKGKGKRTHFNQFAYDGNTYDLEVPVLLVPEDKSQKPYVAIIKDITQTKDGSMMILGQWFYRPEEAEKRGGGNWQSSDT
RELFYSFHRDEVPAESVMHRCVVYFVPAHKQLPKRKNNPGFIVRKVYDTVEKKLWKLTDKDYEDSKQREIDVLVKKTMNV
LGDLPDLES
;
A
2 'polypeptide(L)' LATKAAR(M3L)SAPATGGVKK P
#
loop_
_chem_comp.id
_chem_comp.type
_chem_comp.name
_chem_comp.formula
TRS non-polymer 2-AMINO-2-HYDROXYMETHYL-PROPANE-1,3-DIOL 'C4 H12 N O3 1'
#
# COMPACT_ATOMS: atom_id res chain seq x y z
N THR A 9 -16.69 -16.95 4.21
CA THR A 9 -16.43 -17.24 2.80
C THR A 9 -15.36 -16.31 2.23
N HIS A 10 -14.24 -16.87 1.83
CA HIS A 10 -13.10 -16.11 1.31
C HIS A 10 -12.88 -16.44 -0.16
N PHE A 11 -12.25 -15.50 -0.87
CA PHE A 11 -12.00 -15.63 -2.29
C PHE A 11 -10.54 -15.32 -2.58
N ASN A 12 -9.96 -16.04 -3.54
CA ASN A 12 -8.59 -15.77 -3.95
C ASN A 12 -8.51 -14.69 -5.02
N GLN A 13 -9.57 -14.52 -5.80
CA GLN A 13 -9.65 -13.45 -6.80
C GLN A 13 -11.06 -12.89 -6.79
N PHE A 14 -11.22 -11.71 -7.40
CA PHE A 14 -12.56 -11.17 -7.63
C PHE A 14 -12.57 -10.37 -8.93
N ALA A 15 -13.68 -10.47 -9.66
CA ALA A 15 -13.84 -9.81 -10.94
C ALA A 15 -14.83 -8.66 -10.79
N TYR A 16 -14.47 -7.50 -11.36
CA TYR A 16 -15.34 -6.34 -11.34
C TYR A 16 -15.00 -5.44 -12.53
N ASP A 17 -16.04 -4.97 -13.22
CA ASP A 17 -15.90 -4.03 -14.33
C ASP A 17 -14.94 -4.54 -15.39
N GLY A 18 -14.91 -5.86 -15.60
CA GLY A 18 -14.06 -6.47 -16.61
C GLY A 18 -12.64 -6.75 -16.18
N ASN A 19 -12.26 -6.43 -14.94
CA ASN A 19 -10.90 -6.65 -14.46
C ASN A 19 -10.92 -7.64 -13.30
N THR A 20 -9.95 -8.55 -13.31
CA THR A 20 -9.78 -9.53 -12.25
C THR A 20 -8.65 -9.08 -11.34
N TYR A 21 -8.89 -9.16 -10.03
CA TYR A 21 -7.92 -8.73 -9.03
C TYR A 21 -7.59 -9.91 -8.13
N ASP A 22 -6.29 -10.15 -7.95
CA ASP A 22 -5.79 -11.22 -7.10
C ASP A 22 -5.42 -10.66 -5.73
N LEU A 23 -4.80 -11.50 -4.91
CA LEU A 23 -4.31 -11.10 -3.60
C LEU A 23 -2.89 -10.55 -3.70
N GLU A 24 -2.53 -9.71 -2.73
CA GLU A 24 -1.17 -9.17 -2.61
C GLU A 24 -0.77 -8.35 -3.83
N VAL A 25 -1.71 -7.57 -4.36
CA VAL A 25 -1.42 -6.65 -5.46
C VAL A 25 -1.96 -5.26 -5.08
N PRO A 26 -1.27 -4.18 -5.47
CA PRO A 26 -1.77 -2.85 -5.13
C PRO A 26 -2.87 -2.41 -6.07
N VAL A 27 -3.83 -1.67 -5.51
CA VAL A 27 -4.96 -1.16 -6.26
C VAL A 27 -5.26 0.27 -5.83
N LEU A 28 -5.80 1.05 -6.77
CA LEU A 28 -6.34 2.37 -6.49
C LEU A 28 -7.80 2.25 -6.11
N LEU A 29 -8.22 3.06 -5.14
CA LEU A 29 -9.57 3.02 -4.61
C LEU A 29 -10.15 4.43 -4.61
N VAL A 30 -11.42 4.54 -4.95
CA VAL A 30 -12.12 5.83 -4.89
C VAL A 30 -12.15 6.30 -3.44
N PRO A 31 -11.70 7.52 -3.16
CA PRO A 31 -11.57 7.94 -1.76
C PRO A 31 -12.92 8.21 -1.11
N GLU A 32 -12.92 8.12 0.22
CA GLU A 32 -14.11 8.48 1.00
C GLU A 32 -14.48 9.93 0.77
N ASP A 33 -13.59 10.85 1.15
CA ASP A 33 -13.80 12.26 0.89
C ASP A 33 -13.47 12.57 -0.57
N LYS A 34 -14.33 13.37 -1.21
CA LYS A 34 -14.16 13.66 -2.62
C LYS A 34 -12.86 14.41 -2.87
N SER A 35 -12.49 15.32 -1.97
CA SER A 35 -11.29 16.13 -2.15
C SER A 35 -10.00 15.32 -2.01
N GLN A 36 -10.07 14.09 -1.54
CA GLN A 36 -8.88 13.28 -1.35
C GLN A 36 -8.38 12.73 -2.68
N LYS A 37 -7.08 12.44 -2.73
CA LYS A 37 -6.50 11.72 -3.84
C LYS A 37 -6.94 10.26 -3.78
N PRO A 38 -6.94 9.55 -4.91
CA PRO A 38 -7.31 8.13 -4.90
C PRO A 38 -6.40 7.34 -3.97
N TYR A 39 -7.02 6.53 -3.10
CA TYR A 39 -6.26 5.76 -2.14
C TYR A 39 -5.50 4.62 -2.84
N VAL A 40 -4.40 4.20 -2.23
CA VAL A 40 -3.61 3.09 -2.72
C VAL A 40 -3.56 2.04 -1.61
N ALA A 41 -3.86 0.78 -1.95
CA ALA A 41 -3.90 -0.24 -0.92
C ALA A 41 -3.53 -1.60 -1.49
N ILE A 42 -2.86 -2.41 -0.69
CA ILE A 42 -2.56 -3.80 -1.03
C ILE A 42 -3.75 -4.66 -0.62
N ILE A 43 -4.18 -5.55 -1.51
CA ILE A 43 -5.27 -6.46 -1.22
C ILE A 43 -4.74 -7.60 -0.37
N LYS A 44 -5.31 -7.76 0.83
CA LYS A 44 -4.93 -8.83 1.74
C LYS A 44 -5.96 -9.95 1.83
N ASP A 45 -7.23 -9.65 1.60
CA ASP A 45 -8.29 -10.66 1.71
C ASP A 45 -9.48 -10.22 0.90
N ILE A 46 -10.19 -11.21 0.33
CA ILE A 46 -11.41 -10.99 -0.44
C ILE A 46 -12.50 -11.83 0.19
N THR A 47 -13.46 -11.18 0.83
CA THR A 47 -14.52 -11.86 1.56
C THR A 47 -15.89 -11.42 1.05
N GLN A 48 -16.91 -12.19 1.42
CA GLN A 48 -18.30 -11.90 1.09
C GLN A 48 -19.07 -11.67 2.37
N THR A 49 -19.77 -10.55 2.50
CA THR A 49 -20.52 -10.32 3.76
C THR A 49 -21.78 -11.19 3.82
N LYS A 50 -22.46 -11.15 4.97
CA LYS A 50 -23.72 -11.92 5.21
C LYS A 50 -24.77 -11.48 4.20
N ASP A 51 -24.85 -10.19 3.90
CA ASP A 51 -25.86 -9.66 2.96
C ASP A 51 -25.43 -9.83 1.49
N GLY A 52 -24.26 -10.41 1.22
CA GLY A 52 -23.86 -10.69 -0.17
C GLY A 52 -23.00 -9.62 -0.80
N SER A 53 -22.67 -8.56 -0.09
CA SER A 53 -21.79 -7.56 -0.73
C SER A 53 -20.36 -8.10 -0.69
N MET A 54 -19.52 -7.74 -1.64
CA MET A 54 -18.14 -8.27 -1.59
C MET A 54 -17.23 -7.18 -1.05
N MET A 55 -16.53 -7.46 0.04
CA MET A 55 -15.60 -6.53 0.65
C MET A 55 -14.18 -7.07 0.50
N ILE A 56 -13.22 -6.16 0.33
CA ILE A 56 -11.81 -6.52 0.28
C ILE A 56 -11.11 -5.87 1.47
N LEU A 57 -10.20 -6.62 2.08
CA LEU A 57 -9.35 -6.07 3.13
C LEU A 57 -8.15 -5.40 2.48
N GLY A 58 -7.92 -4.15 2.80
CA GLY A 58 -6.80 -3.50 2.14
C GLY A 58 -5.79 -2.95 3.12
N GLN A 59 -4.51 -3.09 2.82
CA GLN A 59 -3.46 -2.52 3.69
C GLN A 59 -3.07 -1.20 3.07
N TRP A 60 -3.30 -0.11 3.78
CA TRP A 60 -3.08 1.23 3.20
C TRP A 60 -1.62 1.56 2.94
N PHE A 61 -1.47 2.53 2.08
CA PHE A 61 -0.21 3.21 1.72
C PHE A 61 -0.43 4.64 2.17
N TYR A 62 0.59 5.30 2.68
CA TYR A 62 0.36 6.69 3.11
C TYR A 62 1.24 7.59 2.27
N ARG A 63 0.67 8.64 1.75
CA ARG A 63 1.48 9.63 1.05
C ARG A 63 2.27 10.45 2.07
N PRO A 64 3.52 10.81 1.77
CA PRO A 64 4.37 11.45 2.79
C PRO A 64 3.78 12.74 3.35
N GLU A 65 2.94 13.44 2.59
CA GLU A 65 2.37 14.69 3.06
C GLU A 65 1.14 14.50 3.94
N GLU A 66 0.57 13.30 3.99
CA GLU A 66 -0.58 13.03 4.83
C GLU A 66 -0.25 12.20 6.06
N ALA A 67 0.91 11.54 6.08
CA ALA A 67 1.32 10.76 7.25
C ALA A 67 1.76 11.71 8.35
N GLU A 68 1.14 11.59 9.53
CA GLU A 68 1.45 12.47 10.63
C GLU A 68 2.83 12.16 11.20
N LYS A 69 3.66 13.18 11.40
CA LYS A 69 4.98 12.99 12.06
C LYS A 69 4.77 13.05 13.58
N ARG A 70 5.66 12.50 14.39
CA ARG A 70 5.44 12.59 15.85
C ARG A 70 5.40 14.06 16.27
N GLY A 71 6.33 14.84 15.75
CA GLY A 71 6.43 16.28 16.05
C GLY A 71 5.24 17.09 15.56
N GLY A 72 4.26 16.48 14.88
CA GLY A 72 3.03 17.15 14.43
C GLY A 72 3.09 17.67 13.01
N GLY A 73 4.25 17.59 12.36
CA GLY A 73 4.34 18.08 10.97
C GLY A 73 4.05 16.99 9.95
N ASN A 74 4.56 17.16 8.74
CA ASN A 74 4.43 16.15 7.68
C ASN A 74 5.79 15.96 7.03
N TRP A 75 5.99 14.81 6.40
CA TRP A 75 7.27 14.52 5.71
C TRP A 75 7.33 15.20 4.35
N GLN A 76 8.53 15.30 3.80
CA GLN A 76 8.70 15.87 2.45
C GLN A 76 8.96 14.66 1.54
N SER A 77 8.19 14.52 0.47
CA SER A 77 8.40 13.34 -0.41
C SER A 77 9.71 13.55 -1.15
N SER A 78 10.64 12.61 -1.07
CA SER A 78 11.88 12.87 -1.84
C SER A 78 11.54 12.89 -3.32
N ASP A 79 10.73 11.91 -3.75
CA ASP A 79 10.38 11.75 -5.18
C ASP A 79 8.87 11.77 -5.29
N THR A 80 8.38 12.21 -6.44
CA THR A 80 6.93 12.28 -6.64
C THR A 80 6.38 10.87 -6.51
N ARG A 81 7.16 9.85 -6.81
CA ARG A 81 6.62 8.50 -6.77
C ARG A 81 6.62 7.89 -5.37
N GLU A 82 7.04 8.63 -4.35
CA GLU A 82 7.25 8.04 -3.04
C GLU A 82 5.93 7.80 -2.32
N LEU A 83 5.79 6.58 -1.78
CA LEU A 83 4.68 6.23 -0.91
C LEU A 83 5.23 5.53 0.33
N PHE A 84 4.52 5.70 1.44
CA PHE A 84 4.80 4.96 2.67
C PHE A 84 3.83 3.80 2.78
N TYR A 85 4.38 2.59 2.95
CA TYR A 85 3.53 1.48 3.31
C TYR A 85 3.21 1.54 4.81
N SER A 86 2.29 0.69 5.23
CA SER A 86 1.89 0.64 6.63
C SER A 86 1.24 -0.71 6.91
N PHE A 87 0.76 -0.88 8.13
CA PHE A 87 0.00 -2.06 8.52
C PHE A 87 -1.43 -1.70 8.88
N HIS A 88 -1.87 -0.48 8.57
CA HIS A 88 -3.25 -0.08 8.78
C HIS A 88 -4.14 -0.78 7.76
N ARG A 89 -5.11 -1.55 8.25
CA ARG A 89 -5.96 -2.36 7.38
C ARG A 89 -7.42 -1.98 7.58
N ASP A 90 -8.18 -2.01 6.48
CA ASP A 90 -9.59 -1.63 6.51
C ASP A 90 -10.38 -2.44 5.49
N GLU A 91 -11.61 -2.77 5.82
CA GLU A 91 -12.52 -3.44 4.90
C GLU A 91 -13.21 -2.39 4.03
N VAL A 92 -12.99 -2.44 2.73
CA VAL A 92 -13.60 -1.48 1.81
C VAL A 92 -14.37 -2.25 0.74
N PRO A 93 -15.45 -1.69 0.19
CA PRO A 93 -16.24 -2.43 -0.80
C PRO A 93 -15.44 -2.73 -2.05
N ALA A 94 -15.72 -3.90 -2.65
CA ALA A 94 -15.00 -4.30 -3.86
C ALA A 94 -15.29 -3.38 -5.03
N GLU A 95 -16.49 -2.81 -5.08
CA GLU A 95 -16.86 -1.90 -6.16
C GLU A 95 -16.12 -0.57 -6.09
N SER A 96 -15.34 -0.34 -5.03
CA SER A 96 -14.60 0.91 -4.90
C SER A 96 -13.27 0.90 -5.65
N VAL A 97 -12.85 -0.24 -6.18
CA VAL A 97 -11.58 -0.31 -6.88
C VAL A 97 -11.71 0.38 -8.23
N MET A 98 -10.65 1.09 -8.64
CA MET A 98 -10.58 1.73 -9.94
C MET A 98 -9.82 0.86 -10.93
N HIS A 99 -8.57 0.52 -10.61
CA HIS A 99 -7.75 -0.38 -11.42
C HIS A 99 -6.52 -0.76 -10.60
N ARG A 100 -5.81 -1.78 -11.09
CA ARG A 100 -4.55 -2.17 -10.48
C ARG A 100 -3.45 -1.21 -10.89
N CYS A 101 -2.63 -0.81 -9.93
CA CYS A 101 -1.51 0.09 -10.17
C CYS A 101 -0.19 -0.64 -9.89
N VAL A 102 0.91 0.10 -9.97
CA VAL A 102 2.25 -0.44 -9.80
C VAL A 102 2.90 0.22 -8.59
N VAL A 103 3.45 -0.61 -7.70
CA VAL A 103 4.13 -0.14 -6.49
C VAL A 103 5.42 -0.94 -6.34
N TYR A 104 6.54 -0.24 -6.27
CA TYR A 104 7.85 -0.87 -6.21
C TYR A 104 8.45 -0.71 -4.83
N PHE A 105 8.76 -1.82 -4.17
CA PHE A 105 9.45 -1.84 -2.88
C PHE A 105 10.93 -2.06 -3.16
N VAL A 106 11.71 -0.97 -3.16
CA VAL A 106 13.17 -1.03 -3.48
C VAL A 106 14.01 -0.75 -2.25
N PRO A 107 14.87 -1.69 -1.83
CA PRO A 107 15.65 -1.53 -0.59
C PRO A 107 16.58 -0.33 -0.66
N ALA A 108 17.26 -0.07 0.45
CA ALA A 108 18.11 1.10 0.54
C ALA A 108 19.37 0.96 -0.31
N HIS A 109 19.86 -0.27 -0.49
CA HIS A 109 21.08 -0.47 -1.27
C HIS A 109 20.85 -0.22 -2.76
N LYS A 110 19.77 -0.78 -3.30
CA LYS A 110 19.44 -0.57 -4.70
C LYS A 110 18.78 0.79 -4.89
N GLN A 111 19.06 1.42 -6.03
CA GLN A 111 18.49 2.72 -6.34
C GLN A 111 17.22 2.56 -7.19
N LEU A 112 16.48 3.65 -7.31
CA LEU A 112 15.16 3.63 -7.90
C LEU A 112 15.22 3.27 -9.39
N PRO A 113 14.17 2.64 -9.91
CA PRO A 113 14.08 2.46 -11.37
C PRO A 113 13.85 3.78 -12.06
N LYS A 114 14.08 3.78 -13.38
CA LYS A 114 13.88 4.99 -14.16
C LYS A 114 12.40 5.19 -14.47
N ARG A 115 12.02 6.45 -14.64
CA ARG A 115 10.61 6.81 -14.75
C ARG A 115 10.02 6.33 -16.07
N LYS A 116 10.72 6.57 -17.19
CA LYS A 116 10.19 6.17 -18.49
C LYS A 116 10.26 4.66 -18.69
N ASN A 117 11.09 3.96 -17.93
CA ASN A 117 11.16 2.50 -18.03
C ASN A 117 9.96 1.85 -17.34
N ASN A 118 9.83 2.06 -16.04
CA ASN A 118 8.77 1.44 -15.24
C ASN A 118 8.11 2.51 -14.39
N PRO A 119 7.04 3.13 -14.89
CA PRO A 119 6.35 4.17 -14.10
C PRO A 119 5.46 3.55 -13.03
N GLY A 120 5.40 4.21 -11.90
CA GLY A 120 4.60 3.75 -10.79
C GLY A 120 5.16 4.25 -9.47
N PHE A 121 4.46 3.89 -8.40
CA PHE A 121 4.87 4.30 -7.07
C PHE A 121 6.11 3.53 -6.62
N ILE A 122 6.91 4.17 -5.78
CA ILE A 122 8.08 3.56 -5.17
C ILE A 122 7.96 3.69 -3.65
N VAL A 123 8.38 2.65 -2.94
CA VAL A 123 8.28 2.62 -1.48
C VAL A 123 9.67 2.37 -0.91
N ARG A 124 10.11 3.27 -0.04
CA ARG A 124 11.36 3.10 0.70
C ARG A 124 11.17 3.14 2.21
N LYS A 125 9.95 3.39 2.69
CA LYS A 125 9.68 3.47 4.11
C LYS A 125 8.34 2.82 4.41
N VAL A 126 8.14 2.49 5.69
CA VAL A 126 6.87 1.96 6.19
C VAL A 126 6.43 2.83 7.36
N TYR A 127 5.20 3.32 7.31
CA TYR A 127 4.72 4.29 8.27
C TYR A 127 4.16 3.59 9.51
N ASP A 128 4.77 3.88 10.67
CA ASP A 128 4.25 3.44 11.95
C ASP A 128 3.19 4.43 12.41
N THR A 129 1.93 4.02 12.36
CA THR A 129 0.82 4.88 12.74
C THR A 129 0.74 5.07 14.24
N VAL A 130 1.08 4.04 15.02
CA VAL A 130 0.98 4.13 16.48
C VAL A 130 1.95 5.19 17.00
N GLU A 131 3.24 5.00 16.72
CA GLU A 131 4.26 5.95 17.14
C GLU A 131 4.50 7.07 16.13
N LYS A 132 3.81 7.03 15.00
CA LYS A 132 3.97 8.09 13.98
C LYS A 132 5.42 8.22 13.51
N LYS A 133 6.08 7.11 13.20
CA LYS A 133 7.49 7.14 12.72
C LYS A 133 7.65 6.24 11.48
N LEU A 134 8.81 6.33 10.83
CA LEU A 134 9.12 5.56 9.60
C LEU A 134 10.10 4.43 9.89
N TRP A 135 9.81 3.25 9.38
CA TRP A 135 10.70 2.08 9.50
C TRP A 135 11.30 1.83 8.12
N LYS A 136 12.55 1.42 8.05
CA LYS A 136 13.12 0.99 6.79
C LYS A 136 12.55 -0.37 6.40
N LEU A 137 12.84 -0.79 5.17
CA LEU A 137 12.32 -2.08 4.70
C LEU A 137 12.86 -3.23 5.55
N THR A 138 14.11 -3.14 5.97
CA THR A 138 14.72 -4.10 6.89
C THR A 138 15.06 -3.38 8.17
N ASP A 139 14.44 -3.79 9.27
CA ASP A 139 14.62 -3.09 10.54
C ASP A 139 14.40 -4.06 11.69
N LYS A 140 15.15 -3.85 12.77
CA LYS A 140 15.00 -4.66 13.97
C LYS A 140 13.72 -4.35 14.73
N ASP A 141 13.14 -3.17 14.52
CA ASP A 141 11.91 -2.81 15.23
C ASP A 141 10.75 -3.71 14.82
N TYR A 142 10.79 -4.25 13.60
CA TYR A 142 9.73 -5.11 13.11
C TYR A 142 9.59 -6.36 13.98
N GLU A 143 8.36 -6.86 14.07
CA GLU A 143 8.14 -8.22 14.55
C GLU A 143 8.53 -9.19 13.44
N ASP A 144 8.45 -10.49 13.73
CA ASP A 144 8.83 -11.48 12.73
C ASP A 144 7.88 -11.46 11.54
N SER A 145 6.57 -11.40 11.82
CA SER A 145 5.59 -11.48 10.74
C SER A 145 5.59 -10.21 9.89
N LYS A 146 5.77 -9.05 10.50
CA LYS A 146 5.79 -7.81 9.73
C LYS A 146 7.03 -7.70 8.85
N GLN A 147 8.18 -8.10 9.41
CA GLN A 147 9.39 -8.18 8.58
C GLN A 147 9.21 -9.18 7.45
N ARG A 148 8.49 -10.28 7.72
CA ARG A 148 8.20 -11.25 6.67
C ARG A 148 7.33 -10.64 5.57
N GLU A 149 6.33 -9.84 5.96
CA GLU A 149 5.49 -9.15 4.97
C GLU A 149 6.33 -8.23 4.09
N ILE A 150 7.17 -7.41 4.73
CA ILE A 150 7.99 -6.47 3.96
C ILE A 150 8.96 -7.22 3.05
N ASP A 151 9.51 -8.34 3.53
CA ASP A 151 10.41 -9.13 2.71
C ASP A 151 9.69 -9.76 1.53
N VAL A 152 8.45 -10.21 1.74
CA VAL A 152 7.65 -10.76 0.64
C VAL A 152 7.42 -9.71 -0.42
N LEU A 153 7.09 -8.48 0.00
CA LEU A 153 6.85 -7.42 -0.97
C LEU A 153 8.13 -7.03 -1.70
N VAL A 154 9.26 -6.95 -0.99
CA VAL A 154 10.53 -6.64 -1.63
C VAL A 154 10.90 -7.73 -2.62
N LYS A 155 10.65 -8.99 -2.27
CA LYS A 155 10.93 -10.10 -3.18
C LYS A 155 10.05 -10.05 -4.42
N LYS A 156 8.77 -9.74 -4.24
CA LYS A 156 7.88 -9.61 -5.40
C LYS A 156 8.31 -8.47 -6.30
N THR A 157 8.81 -7.38 -5.72
CA THR A 157 9.37 -6.30 -6.53
C THR A 157 10.63 -6.75 -7.25
N MET A 158 11.45 -7.59 -6.61
CA MET A 158 12.71 -8.02 -7.20
C MET A 158 12.50 -8.97 -8.37
N ASN A 159 11.48 -9.83 -8.28
CA ASN A 159 11.18 -10.74 -9.39
C ASN A 159 10.74 -9.99 -10.63
N VAL A 160 10.29 -8.74 -10.49
CA VAL A 160 9.95 -7.91 -11.63
C VAL A 160 11.17 -7.15 -12.14
N LEU A 161 11.90 -6.51 -11.24
CA LEU A 161 13.07 -5.69 -11.59
C LEU A 161 14.30 -6.52 -11.31
N GLY A 162 14.91 -7.07 -12.38
CA GLY A 162 16.04 -7.95 -12.20
C GLY A 162 17.32 -7.21 -11.86
N ASP A 163 17.64 -6.18 -12.63
CA ASP A 163 18.89 -5.46 -12.42
C ASP A 163 18.83 -4.61 -11.15
N LEU A 164 19.96 -4.56 -10.42
CA LEU A 164 20.07 -3.84 -9.16
C LEU A 164 21.16 -2.79 -9.29
N PRO A 165 20.86 -1.64 -9.92
CA PRO A 165 21.82 -0.56 -10.00
C PRO A 165 22.03 0.03 -8.59
N ASP A 166 23.16 -0.29 -7.95
CA ASP A 166 23.51 0.22 -6.60
C ASP A 166 23.94 1.68 -6.70
N LEU A 167 23.84 2.43 -5.60
CA LEU A 167 24.22 3.87 -5.60
C LEU A 167 25.72 4.01 -5.48
N THR B 3 -20.60 2.13 -8.12
CA THR B 3 -19.21 2.28 -7.72
C THR B 3 -19.11 2.98 -6.37
N LYS B 4 -19.15 2.19 -5.30
CA LYS B 4 -19.06 2.70 -3.94
C LYS B 4 -17.67 3.30 -3.70
N ALA B 5 -17.56 4.10 -2.64
CA ALA B 5 -16.29 4.66 -2.20
C ALA B 5 -15.73 3.89 -1.02
N ALA B 6 -14.44 4.05 -0.79
CA ALA B 6 -13.72 3.36 0.28
C ALA B 6 -13.48 4.32 1.43
N ARG B 7 -13.87 3.93 2.65
CA ARG B 7 -13.67 4.81 3.84
C ARG B 7 -12.47 4.31 4.67
N M3L B 8 -11.60 5.23 5.09
CA M3L B 8 -10.46 4.86 5.91
CB M3L B 8 -9.24 5.67 5.48
CG M3L B 8 -8.07 4.75 5.15
CD M3L B 8 -6.77 5.31 5.73
CE M3L B 8 -6.44 6.68 5.15
NZ M3L B 8 -5.29 6.57 4.26
C M3L B 8 -10.74 5.11 7.36
O M3L B 8 -11.22 6.22 7.72
CM1 M3L B 8 -4.74 7.91 4.01
CM2 M3L B 8 -5.71 5.97 2.97
CM3 M3L B 8 -4.27 5.71 4.87
N SER B 9 -10.46 4.12 8.21
CA SER B 9 -10.67 4.25 9.67
C SER B 9 -9.55 5.08 10.27
N ALA B 10 -9.78 5.60 11.48
CA ALA B 10 -8.76 6.41 12.19
C ALA B 10 -8.27 5.60 13.39
N PRO B 11 -7.08 5.01 13.30
CA PRO B 11 -6.55 4.12 14.35
C PRO B 11 -6.07 4.90 15.56
N ALA B 12 -6.04 4.19 16.69
CA ALA B 12 -5.51 4.77 17.92
C ALA B 12 -4.00 4.91 17.82
N THR B 13 -3.50 6.12 18.09
CA THR B 13 -2.09 6.42 17.98
C THR B 13 -1.56 6.92 19.30
N GLY B 14 -0.23 7.00 19.41
CA GLY B 14 0.42 7.47 20.61
C GLY B 14 0.22 8.96 20.86
C TRS C . 4.08 -5.10 -6.81
C1 TRS C . 3.37 -4.11 -7.73
C2 TRS C . 5.52 -5.29 -7.27
C3 TRS C . 3.33 -6.43 -6.88
N TRS C . 4.07 -4.59 -5.44
O1 TRS C . 3.50 -4.54 -9.06
O2 TRS C . 5.53 -5.64 -8.63
O3 TRS C . 3.28 -6.85 -8.23
#